data_4NN5
#
_entry.id   4NN5
#
_cell.length_a   150.060
_cell.length_b   79.756
_cell.length_c   52.138
_cell.angle_alpha   90.00
_cell.angle_beta   90.00
_cell.angle_gamma   90.00
#
_symmetry.space_group_name_H-M   'P 21 21 2'
#
loop_
_entity.id
_entity.type
_entity.pdbx_description
1 polymer 'Thymic stromal lymphopoietin'
2 polymer 'Interleukin-7 receptor subunit alpha'
3 polymer 'Cytokine receptor-like factor 2'
4 non-polymer 'ACETATE ION'
5 non-polymer 2-acetamido-2-deoxy-beta-D-glucopyranose
6 water water
#
loop_
_entity_poly.entity_id
_entity_poly.type
_entity_poly.pdbx_seq_one_letter_code
_entity_poly.pdbx_strand_id
1 'polypeptide(L)'
;YNFSNCNFTSITKIYCNIIFHDLTGDLKGAKFEQIEDCESKPACLLKIEYYTLNPIPGCPSLPDKTFARRTREALNDHCP
GYPETERNDGTQEMAQEVQNICLQQTSQILRLWYSFMQSPEGTKHHHHHH
;
A
2 'polypeptide(L)'
;GSHMESGNAQDGDLEDADADDHSFWCHSQLEVDGSQHLLTCAFNDSDINTANLEFQICGALLRVKCLTLNKLQDIYFIKT
SEFLLIGSSNICVKLGQKNLTCKNMAINTIVKAEAPSDLKVVYRKEANDFLVTFNAPHLKKKYLKKVKHDVAYRPARGES
NWTHVSLFHTRTTIPQRKLRPKAMYEIKVRSIPHNDYFKGFWSEWSPSSTFETPEPKNQGGWD
;
B
3 'polypeptide(L)'
;AAAVTSRGDVTVVCHDLETVEVTWGSGPDHHGANLSLEFRYGTGALQPCPRYFLSGAGVTSGCILPAARAGLLELALRDG
GGAMVFKARQRASAWLKPRPPWQVTLLWTPDGDVTVSWPAHSYLGLDYEVQHRESNDDEDAWQTTSGPCCDLTVGGLDPV
RCYDFRVRASPRAAHYGLEAQPSEWTAVTRLSGAASAASCTASGTKHHHHHH
;
C
#
loop_
_chem_comp.id
_chem_comp.type
_chem_comp.name
_chem_comp.formula
ACT non-polymer 'ACETATE ION' 'C2 H3 O2 -1'
NAG D-saccharide, beta linking 2-acetamido-2-deoxy-beta-D-glucopyranose 'C8 H15 N O6'
#
# COMPACT_ATOMS: atom_id res chain seq x y z
N TYR A 1 25.24 18.77 -2.97
CA TYR A 1 24.41 18.62 -4.20
C TYR A 1 23.07 19.34 -4.00
N ASN A 2 22.48 19.81 -5.10
CA ASN A 2 21.18 20.48 -5.07
C ASN A 2 20.04 19.57 -5.57
N PHE A 3 19.26 19.09 -4.61
CA PHE A 3 18.21 18.11 -4.90
C PHE A 3 16.98 18.72 -5.57
N SER A 4 17.04 20.02 -5.87
CA SER A 4 15.89 20.72 -6.43
C SER A 4 15.53 20.22 -7.83
N ASN A 5 16.46 19.54 -8.49
CA ASN A 5 16.22 19.08 -9.85
C ASN A 5 15.77 17.62 -9.93
N CYS A 6 15.66 16.94 -8.79
CA CYS A 6 15.24 15.53 -8.78
C CYS A 6 13.82 15.36 -9.32
N ASN A 7 13.52 14.23 -9.94
CA ASN A 7 12.14 13.94 -10.27
C ASN A 7 11.46 13.39 -9.01
N PHE A 8 10.77 14.24 -8.27
CA PHE A 8 10.16 13.84 -7.00
C PHE A 8 9.01 12.82 -7.18
N THR A 9 8.37 12.81 -8.34
CA THR A 9 7.26 11.91 -8.55
C THR A 9 7.77 10.47 -8.61
N SER A 10 8.82 10.24 -9.37
CA SER A 10 9.47 8.95 -9.46
C SER A 10 10.01 8.49 -8.12
N ILE A 11 10.70 9.38 -7.42
CA ILE A 11 11.29 9.01 -6.13
C ILE A 11 10.17 8.64 -5.17
N THR A 12 9.08 9.40 -5.21
CA THR A 12 7.95 9.09 -4.37
C THR A 12 7.41 7.67 -4.61
N LYS A 13 7.30 7.25 -5.87
CA LYS A 13 6.74 5.95 -6.15
C LYS A 13 7.64 4.86 -5.64
N ILE A 14 8.93 5.09 -5.77
CA ILE A 14 9.91 4.15 -5.23
C ILE A 14 9.85 4.10 -3.70
N TYR A 15 9.81 5.26 -3.04
CA TYR A 15 9.66 5.25 -1.61
C TYR A 15 8.36 4.56 -1.16
N CYS A 16 7.22 4.93 -1.72
CA CYS A 16 5.94 4.42 -1.22
C CYS A 16 5.84 2.94 -1.38
N ASN A 17 6.38 2.42 -2.48
CA ASN A 17 6.18 1.02 -2.81
C ASN A 17 7.28 0.06 -2.44
N ILE A 18 8.47 0.58 -2.14
CA ILE A 18 9.58 -0.24 -1.72
C ILE A 18 10.24 0.22 -0.40
N ILE A 19 10.83 1.41 -0.43
CA ILE A 19 11.67 1.84 0.67
C ILE A 19 10.88 1.95 1.96
N PHE A 20 9.65 2.45 1.87
CA PHE A 20 8.81 2.54 3.06
C PHE A 20 8.68 1.20 3.75
N HIS A 21 8.43 0.16 2.96
CA HIS A 21 8.29 -1.20 3.46
C HIS A 21 9.61 -1.72 4.02
N ASP A 22 10.72 -1.34 3.41
CA ASP A 22 12.01 -1.78 3.93
C ASP A 22 12.24 -1.14 5.32
N LEU A 23 11.92 0.13 5.44
CA LEU A 23 12.14 0.84 6.70
C LEU A 23 11.29 0.28 7.84
N THR A 24 9.98 0.17 7.58
CA THR A 24 9.06 -0.32 8.61
C THR A 24 9.41 -1.75 8.94
N GLY A 25 9.86 -2.49 7.94
CA GLY A 25 10.30 -3.84 8.14
C GLY A 25 11.50 -3.97 9.07
N ASP A 26 12.44 -3.05 8.95
CA ASP A 26 13.62 -3.06 9.81
C ASP A 26 13.31 -2.58 11.22
N LEU A 27 12.37 -1.63 11.34
CA LEU A 27 12.05 -1.02 12.63
C LEU A 27 11.22 -1.94 13.52
N LYS A 28 10.42 -2.79 12.88
CA LYS A 28 9.57 -3.74 13.60
C LYS A 28 8.83 -3.09 14.77
N GLY A 29 8.32 -1.88 14.56
CA GLY A 29 7.51 -1.23 15.58
C GLY A 29 8.25 -0.31 16.54
N ALA A 30 9.57 -0.44 16.60
CA ALA A 30 10.37 0.47 17.41
C ALA A 30 10.25 1.88 16.87
N LYS A 31 10.12 2.85 17.74
CA LYS A 31 10.26 4.24 17.33
C LYS A 31 10.85 5.07 18.49
N PHE A 32 11.39 6.21 18.10
CA PHE A 32 12.17 7.08 18.93
C PHE A 32 11.67 8.49 18.68
N GLU A 33 11.86 9.38 19.64
CA GLU A 33 11.55 10.77 19.41
C GLU A 33 12.30 11.27 18.20
N GLN A 34 11.65 12.16 17.45
CA GLN A 34 12.24 12.68 16.22
C GLN A 34 13.15 13.84 16.58
N ILE A 35 14.30 13.89 15.92
CA ILE A 35 15.31 14.91 16.21
C ILE A 35 15.17 16.11 15.28
N GLU A 36 15.12 15.84 13.97
CA GLU A 36 15.05 16.92 12.98
C GLU A 36 13.82 16.82 12.07
N ASP A 37 13.44 17.95 11.49
CA ASP A 37 12.38 18.05 10.51
C ASP A 37 12.95 18.74 9.28
N CYS A 38 12.13 18.91 8.25
CA CYS A 38 12.49 19.61 7.02
C CYS A 38 11.21 20.09 6.37
N GLU A 39 11.27 21.12 5.53
CA GLU A 39 10.05 21.79 5.07
C GLU A 39 9.86 21.87 3.55
N SER A 40 10.79 21.29 2.79
CA SER A 40 10.62 21.20 1.34
C SER A 40 11.14 19.84 0.83
N LYS A 41 10.65 19.38 -0.32
CA LYS A 41 11.09 18.08 -0.82
C LYS A 41 12.61 18.05 -1.04
N PRO A 42 13.18 19.09 -1.68
CA PRO A 42 14.64 19.08 -1.84
C PRO A 42 15.41 19.08 -0.53
N ALA A 43 14.97 19.85 0.45
CA ALA A 43 15.65 19.93 1.72
C ALA A 43 15.52 18.62 2.49
N CYS A 44 14.36 17.97 2.36
CA CYS A 44 14.16 16.69 3.04
C CYS A 44 15.03 15.62 2.38
N LEU A 45 15.10 15.62 1.06
CA LEU A 45 15.93 14.63 0.40
C LEU A 45 17.41 14.79 0.82
N LEU A 46 17.86 16.03 0.94
CA LEU A 46 19.22 16.29 1.39
C LEU A 46 19.46 15.65 2.77
N LYS A 47 18.56 15.89 3.74
CA LYS A 47 18.71 15.26 5.05
C LYS A 47 18.61 13.72 4.98
N ILE A 48 17.66 13.24 4.20
CA ILE A 48 17.46 11.81 4.06
C ILE A 48 18.75 11.19 3.55
N GLU A 49 19.30 11.77 2.50
CA GLU A 49 20.54 11.26 1.92
C GLU A 49 21.64 11.25 2.96
N TYR A 50 21.72 12.34 3.73
CA TYR A 50 22.80 12.47 4.70
C TYR A 50 22.66 11.44 5.82
N TYR A 51 21.45 11.31 6.36
CA TYR A 51 21.20 10.32 7.39
C TYR A 51 21.38 8.91 6.88
N THR A 52 21.05 8.69 5.62
CA THR A 52 20.99 7.33 5.12
C THR A 52 22.37 6.77 4.70
N LEU A 53 23.21 7.62 4.11
CA LEU A 53 24.43 7.15 3.42
C LEU A 53 25.70 7.54 4.14
N ASN A 54 25.56 8.30 5.22
CA ASN A 54 26.73 8.57 6.05
C ASN A 54 26.72 7.75 7.31
N PRO A 55 27.78 6.94 7.50
CA PRO A 55 27.80 6.07 8.66
C PRO A 55 27.88 6.91 9.91
N ILE A 56 27.36 6.39 10.99
CA ILE A 56 27.46 7.05 12.27
C ILE A 56 28.03 6.06 13.27
N PRO A 57 28.68 6.57 14.32
CA PRO A 57 29.18 5.72 15.39
C PRO A 57 28.08 4.83 15.96
N GLY A 58 28.33 3.52 15.99
CA GLY A 58 27.39 2.58 16.55
C GLY A 58 26.59 1.85 15.48
N CYS A 59 26.63 2.34 14.25
CA CYS A 59 25.98 1.64 13.13
C CYS A 59 26.71 1.89 11.82
N PRO A 60 27.94 1.38 11.71
CA PRO A 60 28.77 1.59 10.53
C PRO A 60 28.17 0.99 9.25
N SER A 61 27.32 -0.02 9.41
CA SER A 61 26.80 -0.78 8.28
C SER A 61 25.57 -0.13 7.61
N LEU A 62 25.11 0.98 8.16
CA LEU A 62 23.84 1.59 7.76
C LEU A 62 23.74 1.81 6.25
N PRO A 63 24.76 2.46 5.63
CA PRO A 63 24.72 2.71 4.19
C PRO A 63 24.69 1.46 3.31
N ASP A 64 24.91 0.29 3.90
CA ASP A 64 24.92 -0.96 3.17
C ASP A 64 23.62 -1.75 3.29
N LYS A 65 22.73 -1.34 4.18
CA LYS A 65 21.43 -1.99 4.27
C LYS A 65 20.62 -1.82 2.99
N THR A 66 19.72 -2.75 2.73
CA THR A 66 18.96 -2.71 1.49
C THR A 66 18.20 -1.38 1.31
N PHE A 67 17.57 -0.86 2.35
CA PHE A 67 16.81 0.41 2.18
C PHE A 67 17.76 1.53 1.78
N ALA A 68 19.00 1.49 2.27
CA ALA A 68 19.99 2.51 1.99
C ALA A 68 20.51 2.40 0.56
N ARG A 69 20.83 1.19 0.14
CA ARG A 69 21.26 1.01 -1.25
C ARG A 69 20.17 1.45 -2.23
N ARG A 70 18.92 1.18 -1.87
CA ARG A 70 17.80 1.51 -2.76
C ARG A 70 17.62 3.02 -2.80
N THR A 71 17.81 3.67 -1.65
CA THR A 71 17.77 5.14 -1.61
C THR A 71 18.85 5.72 -2.54
N ARG A 72 20.08 5.20 -2.42
CA ARG A 72 21.17 5.64 -3.29
C ARG A 72 20.81 5.47 -4.77
N GLU A 73 20.21 4.33 -5.09
CA GLU A 73 19.92 4.03 -6.48
C GLU A 73 18.80 4.93 -7.01
N ALA A 74 17.82 5.21 -6.16
CA ALA A 74 16.71 6.08 -6.51
C ALA A 74 17.21 7.53 -6.77
N LEU A 75 18.14 8.00 -5.94
CA LEU A 75 18.67 9.34 -6.16
C LEU A 75 19.50 9.34 -7.45
N ASN A 76 20.37 8.34 -7.60
CA ASN A 76 21.16 8.21 -8.81
C ASN A 76 20.31 8.21 -10.07
N ASP A 77 19.21 7.47 -10.02
CA ASP A 77 18.39 7.30 -11.22
C ASP A 77 17.54 8.55 -11.51
N HIS A 78 17.23 9.35 -10.49
CA HIS A 78 16.25 10.40 -10.69
C HIS A 78 16.68 11.82 -10.27
N CYS A 79 17.94 11.95 -9.91
CA CYS A 79 18.52 13.25 -9.58
C CYS A 79 19.69 13.50 -10.53
N PRO A 80 19.47 14.35 -11.55
CA PRO A 80 20.54 14.62 -12.52
C PRO A 80 21.80 15.12 -11.86
N GLY A 81 22.92 14.46 -12.14
CA GLY A 81 24.22 14.91 -11.65
C GLY A 81 24.51 14.45 -10.24
N TYR A 82 23.66 13.61 -9.68
CA TYR A 82 23.90 13.12 -8.34
C TYR A 82 25.09 12.16 -8.35
N PRO A 83 26.10 12.42 -7.51
CA PRO A 83 27.29 11.56 -7.51
C PRO A 83 26.96 10.09 -7.23
N GLN A 96 32.17 -1.66 17.47
CA GLN A 96 31.29 -2.61 16.80
C GLN A 96 29.92 -2.00 16.59
N GLU A 97 28.96 -2.84 16.22
CA GLU A 97 27.62 -2.37 15.90
C GLU A 97 26.62 -2.67 17.01
N VAL A 98 25.84 -1.66 17.34
CA VAL A 98 24.78 -1.79 18.33
C VAL A 98 23.44 -1.59 17.63
N GLN A 99 22.58 -2.60 17.72
CA GLN A 99 21.34 -2.57 16.96
C GLN A 99 20.43 -1.42 17.36
N ASN A 100 20.43 -1.05 18.64
CA ASN A 100 19.55 0.04 19.05
C ASN A 100 19.90 1.37 18.35
N ILE A 101 21.18 1.58 18.04
CA ILE A 101 21.59 2.78 17.33
C ILE A 101 21.11 2.69 15.89
N CYS A 102 21.24 1.51 15.30
CA CYS A 102 20.73 1.31 13.92
C CYS A 102 19.26 1.65 13.85
N LEU A 103 18.51 1.13 14.80
CA LEU A 103 17.09 1.37 14.85
C LEU A 103 16.80 2.86 15.04
N GLN A 104 17.53 3.50 15.95
CA GLN A 104 17.31 4.92 16.17
C GLN A 104 17.48 5.71 14.87
N GLN A 105 18.55 5.45 14.12
CA GLN A 105 18.77 6.17 12.86
C GLN A 105 17.70 5.83 11.81
N THR A 106 17.31 4.56 11.76
CA THR A 106 16.28 4.12 10.82
C THR A 106 14.95 4.82 11.12
N SER A 107 14.65 4.98 12.41
CA SER A 107 13.44 5.69 12.78
C SER A 107 13.50 7.17 12.35
N GLN A 108 14.66 7.81 12.48
CA GLN A 108 14.80 9.21 12.05
C GLN A 108 14.53 9.32 10.54
N ILE A 109 15.04 8.35 9.79
CA ILE A 109 14.97 8.39 8.33
C ILE A 109 13.53 8.25 7.86
N LEU A 110 12.80 7.30 8.45
CA LEU A 110 11.41 7.09 8.10
C LEU A 110 10.61 8.36 8.32
N ARG A 111 10.85 9.06 9.43
CA ARG A 111 10.10 10.28 9.69
C ARG A 111 10.50 11.44 8.79
N LEU A 112 11.75 11.45 8.33
CA LEU A 112 12.14 12.45 7.32
C LEU A 112 11.43 12.15 5.98
N TRP A 113 11.23 10.88 5.64
CA TRP A 113 10.42 10.57 4.47
C TRP A 113 8.99 11.07 4.64
N TYR A 114 8.42 10.94 5.83
CA TYR A 114 7.06 11.46 6.02
C TYR A 114 7.05 12.98 5.76
N SER A 115 8.07 13.68 6.26
CA SER A 115 8.19 15.11 6.01
C SER A 115 8.34 15.40 4.52
N PHE A 116 9.13 14.59 3.84
CA PHE A 116 9.24 14.74 2.39
C PHE A 116 7.86 14.66 1.72
N MET A 117 7.06 13.70 2.16
CA MET A 117 5.78 13.42 1.51
C MET A 117 4.82 14.59 1.77
N GLN A 118 4.98 15.21 2.92
CA GLN A 118 4.07 16.27 3.35
C GLN A 118 4.52 17.64 2.89
N SER A 119 5.72 17.73 2.34
CA SER A 119 6.27 19.04 1.99
C SER A 119 5.99 19.39 0.54
N PRO A 120 5.90 20.70 0.24
CA PRO A 120 5.83 21.12 -1.17
C PRO A 120 7.17 21.00 -1.90
N GLU A 121 7.11 20.95 -3.23
CA GLU A 121 8.31 20.89 -4.08
C GLU A 121 8.97 22.27 -4.17
N ASP B 20 16.14 -20.00 -36.18
CA ASP B 20 17.16 -19.01 -35.81
C ASP B 20 16.58 -17.85 -34.97
N ASP B 21 15.45 -18.10 -34.33
CA ASP B 21 14.76 -17.11 -33.49
C ASP B 21 15.01 -17.38 -32.01
N HIS B 22 15.69 -16.46 -31.31
CA HIS B 22 15.91 -16.70 -29.89
C HIS B 22 15.07 -15.78 -29.00
N SER B 23 13.91 -15.38 -29.51
CA SER B 23 13.04 -14.49 -28.74
C SER B 23 12.59 -15.19 -27.46
N PHE B 24 12.38 -14.40 -26.42
CA PHE B 24 12.15 -15.01 -25.13
C PHE B 24 11.26 -14.14 -24.28
N TRP B 25 10.72 -14.74 -23.23
CA TRP B 25 9.96 -13.99 -22.24
C TRP B 25 10.57 -14.17 -20.87
N CYS B 26 10.28 -13.24 -19.97
CA CYS B 26 10.70 -13.31 -18.59
C CYS B 26 9.57 -12.78 -17.70
N HIS B 27 9.45 -13.36 -16.51
CA HIS B 27 8.64 -12.76 -15.50
C HIS B 27 9.30 -12.94 -14.13
N SER B 28 9.01 -11.99 -13.25
CA SER B 28 9.58 -12.00 -11.89
C SER B 28 8.46 -12.37 -10.92
N GLN B 29 8.81 -12.82 -9.74
CA GLN B 29 7.81 -13.09 -8.69
C GLN B 29 8.46 -12.70 -7.41
N LEU B 30 7.74 -11.91 -6.62
CA LEU B 30 8.29 -11.37 -5.40
C LEU B 30 8.03 -12.26 -4.18
N GLU B 31 9.06 -12.42 -3.36
CA GLU B 31 8.96 -13.03 -2.05
C GLU B 31 8.47 -14.44 -2.17
N VAL B 32 9.24 -15.26 -2.86
CA VAL B 32 8.72 -16.55 -3.28
C VAL B 32 8.73 -17.59 -2.15
N ASP B 33 9.89 -17.94 -1.62
CA ASP B 33 9.90 -18.93 -0.54
C ASP B 33 10.58 -18.33 0.67
N GLY B 34 10.29 -17.05 0.91
CA GLY B 34 10.98 -16.24 1.88
C GLY B 34 11.11 -14.79 1.40
N SER B 35 12.24 -14.15 1.67
CA SER B 35 12.49 -12.76 1.26
C SER B 35 13.06 -12.65 -0.18
N GLN B 36 13.41 -13.78 -0.77
CA GLN B 36 14.05 -13.74 -2.08
C GLN B 36 13.01 -13.67 -3.19
N HIS B 37 13.44 -13.16 -4.33
CA HIS B 37 12.59 -12.98 -5.49
C HIS B 37 13.04 -13.94 -6.58
N LEU B 38 12.13 -14.27 -7.48
CA LEU B 38 12.40 -15.25 -8.54
C LEU B 38 12.29 -14.62 -9.89
N LEU B 39 13.29 -14.85 -10.76
CA LEU B 39 13.23 -14.44 -12.15
C LEU B 39 13.20 -15.73 -12.99
N THR B 40 12.23 -15.83 -13.89
CA THR B 40 12.10 -16.98 -14.79
C THR B 40 12.04 -16.47 -16.23
N CYS B 41 12.84 -17.08 -17.09
CA CYS B 41 12.81 -16.80 -18.51
C CYS B 41 12.76 -18.10 -19.32
N ALA B 42 12.22 -18.00 -20.53
CA ALA B 42 12.21 -19.14 -21.45
C ALA B 42 12.06 -18.67 -22.88
N PHE B 43 12.50 -19.52 -23.80
CA PHE B 43 12.37 -19.21 -25.21
C PHE B 43 10.93 -19.37 -25.66
N ASN B 44 10.52 -18.52 -26.58
CA ASN B 44 9.18 -18.58 -27.13
C ASN B 44 9.02 -19.83 -27.95
N ASP B 45 10.08 -20.21 -28.64
CA ASP B 45 10.08 -21.39 -29.50
C ASP B 45 10.68 -22.57 -28.75
N SER B 46 9.84 -23.55 -28.41
CA SER B 46 10.30 -24.72 -27.67
C SER B 46 11.08 -25.72 -28.56
N ASP B 47 11.03 -25.56 -29.88
CA ASP B 47 11.74 -26.46 -30.79
C ASP B 47 13.13 -25.92 -31.12
N ILE B 48 13.72 -25.22 -30.16
CA ILE B 48 14.98 -24.51 -30.35
C ILE B 48 16.15 -25.30 -29.75
N ASN B 49 17.26 -25.42 -30.48
CA ASN B 49 18.45 -26.02 -29.91
C ASN B 49 19.04 -25.07 -28.86
N THR B 50 18.77 -25.35 -27.58
CA THR B 50 19.28 -24.54 -26.49
C THR B 50 20.68 -24.93 -26.08
N ALA B 51 21.34 -25.68 -26.96
CA ALA B 51 22.68 -26.17 -26.71
C ALA B 51 23.62 -25.04 -26.35
N ASN B 52 24.09 -25.06 -25.11
CA ASN B 52 25.13 -24.14 -24.68
C ASN B 52 24.62 -22.70 -24.60
N LEU B 53 23.30 -22.50 -24.57
CA LEU B 53 22.77 -21.14 -24.37
C LEU B 53 22.60 -20.82 -22.89
N GLU B 54 22.92 -19.59 -22.54
CA GLU B 54 22.78 -19.16 -21.17
C GLU B 54 22.04 -17.83 -21.14
N PHE B 55 21.32 -17.62 -20.03
CA PHE B 55 20.67 -16.35 -19.75
C PHE B 55 21.46 -15.65 -18.65
N GLN B 56 21.79 -14.39 -18.89
CA GLN B 56 22.53 -13.58 -17.96
C GLN B 56 21.77 -12.28 -17.73
N ILE B 57 21.64 -11.86 -16.48
CA ILE B 57 21.02 -10.58 -16.15
C ILE B 57 22.07 -9.69 -15.51
N CYS B 58 22.18 -8.47 -16.04
CA CYS B 58 23.15 -7.50 -15.51
C CYS B 58 22.42 -6.19 -15.23
N GLY B 59 22.83 -5.51 -14.16
CA GLY B 59 22.30 -4.20 -13.86
C GLY B 59 21.12 -4.25 -12.90
N ALA B 60 21.02 -3.21 -12.10
CA ALA B 60 19.97 -3.04 -11.10
C ALA B 60 20.02 -4.15 -10.04
N LEU B 61 21.24 -4.59 -9.74
CA LEU B 61 21.48 -5.58 -8.71
C LEU B 61 22.24 -4.91 -7.57
N LEU B 62 22.12 -5.46 -6.38
CA LEU B 62 22.64 -4.81 -5.17
C LEU B 62 24.15 -4.90 -5.00
N ARG B 63 24.68 -6.12 -5.07
CA ARG B 63 26.07 -6.40 -4.75
C ARG B 63 26.92 -6.88 -5.92
N VAL B 64 26.29 -7.30 -7.01
CA VAL B 64 27.04 -7.86 -8.13
C VAL B 64 26.69 -7.16 -9.44
N LYS B 65 27.55 -7.34 -10.44
CA LYS B 65 27.28 -6.75 -11.75
C LYS B 65 26.27 -7.61 -12.52
N CYS B 66 26.39 -8.94 -12.42
CA CYS B 66 25.57 -9.85 -13.22
C CYS B 66 25.21 -11.13 -12.44
N LEU B 67 24.16 -11.82 -12.89
CA LEU B 67 23.82 -13.19 -12.45
C LEU B 67 23.54 -14.07 -13.65
N THR B 68 23.87 -15.36 -13.56
CA THR B 68 23.54 -16.29 -14.62
C THR B 68 22.42 -17.19 -14.13
N LEU B 69 21.38 -17.35 -14.96
CA LEU B 69 20.23 -18.18 -14.58
C LEU B 69 20.55 -19.67 -14.65
N ASN B 70 19.82 -20.43 -13.86
CA ASN B 70 19.94 -21.87 -13.78
C ASN B 70 18.88 -22.57 -14.62
N LYS B 71 19.31 -23.50 -15.45
CA LYS B 71 18.44 -24.18 -16.37
C LYS B 71 17.72 -25.36 -15.68
N LEU B 72 16.41 -25.51 -15.88
CA LEU B 72 15.65 -26.67 -15.39
C LEU B 72 14.72 -27.05 -16.52
N GLN B 73 14.99 -28.17 -17.18
CA GLN B 73 14.20 -28.55 -18.36
C GLN B 73 14.07 -27.36 -19.34
N ASP B 74 12.85 -26.92 -19.66
CA ASP B 74 12.65 -25.90 -20.67
C ASP B 74 12.64 -24.45 -20.14
N ILE B 75 13.07 -24.24 -18.91
CA ILE B 75 13.03 -22.88 -18.36
C ILE B 75 14.32 -22.55 -17.62
N TYR B 76 14.56 -21.25 -17.48
CA TYR B 76 15.74 -20.74 -16.82
C TYR B 76 15.27 -19.91 -15.66
N PHE B 77 15.93 -19.99 -14.52
CA PHE B 77 15.44 -19.26 -13.35
C PHE B 77 16.60 -18.84 -12.46
N ILE B 78 16.40 -17.81 -11.67
CA ILE B 78 17.32 -17.48 -10.58
C ILE B 78 16.48 -16.98 -9.39
N LYS B 79 16.72 -17.58 -8.22
CA LYS B 79 16.16 -17.10 -6.97
C LYS B 79 17.25 -16.33 -6.23
N THR B 80 17.00 -15.07 -5.90
CA THR B 80 18.07 -14.22 -5.44
C THR B 80 17.59 -13.13 -4.51
N SER B 81 18.51 -12.60 -3.72
CA SER B 81 18.29 -11.36 -2.95
C SER B 81 18.84 -10.10 -3.61
N GLU B 82 19.33 -10.22 -4.83
CA GLU B 82 20.15 -9.15 -5.38
C GLU B 82 19.34 -8.05 -6.06
N PHE B 83 18.06 -8.27 -6.34
CA PHE B 83 17.35 -7.32 -7.18
C PHE B 83 17.10 -6.03 -6.41
N LEU B 84 17.50 -4.93 -7.00
CA LEU B 84 17.13 -3.61 -6.44
C LEU B 84 15.65 -3.29 -6.54
N LEU B 85 15.00 -3.82 -7.58
CA LEU B 85 13.62 -3.52 -7.91
C LEU B 85 13.44 -2.05 -8.31
N ILE B 86 14.57 -1.43 -8.66
CA ILE B 86 14.63 -0.05 -9.09
C ILE B 86 15.52 0.02 -10.28
N GLY B 87 15.02 0.54 -11.38
CA GLY B 87 15.80 0.65 -12.60
C GLY B 87 15.75 -0.62 -13.42
N SER B 88 16.29 -0.54 -14.63
CA SER B 88 16.24 -1.65 -15.58
C SER B 88 17.49 -2.50 -15.60
N SER B 89 17.30 -3.73 -16.03
CA SER B 89 18.36 -4.73 -16.19
C SER B 89 18.42 -5.12 -17.63
N ASN B 90 19.60 -5.55 -18.07
CA ASN B 90 19.77 -6.15 -19.38
C ASN B 90 19.72 -7.64 -19.20
N ILE B 91 18.81 -8.31 -19.90
CA ILE B 91 18.80 -9.77 -19.91
C ILE B 91 19.28 -10.24 -21.30
N CYS B 92 20.34 -11.07 -21.31
CA CYS B 92 21.01 -11.44 -22.56
C CYS B 92 21.04 -12.95 -22.70
N VAL B 93 20.69 -13.41 -23.90
CA VAL B 93 20.91 -14.80 -24.31
C VAL B 93 22.29 -14.87 -24.92
N LYS B 94 23.16 -15.72 -24.37
CA LYS B 94 24.55 -15.76 -24.77
C LYS B 94 24.92 -17.15 -25.25
N LEU B 95 25.85 -17.21 -26.20
CA LEU B 95 26.48 -18.46 -26.63
C LEU B 95 27.94 -18.20 -26.47
N GLY B 96 28.57 -18.80 -25.47
CA GLY B 96 29.92 -18.40 -25.12
C GLY B 96 29.85 -16.94 -24.71
N GLN B 97 30.72 -16.12 -25.29
CA GLN B 97 30.75 -14.69 -24.98
C GLN B 97 29.98 -13.84 -26.00
N LYS B 98 29.35 -14.51 -26.97
CA LYS B 98 28.54 -13.84 -27.97
C LYS B 98 27.13 -13.59 -27.44
N ASN B 99 26.68 -12.33 -27.49
CA ASN B 99 25.28 -11.99 -27.19
C ASN B 99 24.44 -12.24 -28.42
N LEU B 100 23.53 -13.20 -28.37
CA LEU B 100 22.58 -13.42 -29.47
C LEU B 100 21.45 -12.39 -29.45
N THR B 101 20.90 -12.14 -28.28
CA THR B 101 19.85 -11.17 -28.16
C THR B 101 19.77 -10.70 -26.73
N CYS B 102 19.67 -9.39 -26.55
CA CYS B 102 19.60 -8.74 -25.24
C CYS B 102 18.37 -7.85 -25.19
N LYS B 103 17.65 -7.87 -24.06
CA LYS B 103 16.54 -6.98 -23.85
C LYS B 103 16.65 -6.29 -22.51
N ASN B 104 16.33 -5.02 -22.50
CA ASN B 104 16.35 -4.20 -21.30
C ASN B 104 14.97 -4.21 -20.68
N MET B 105 14.87 -4.56 -19.41
CA MET B 105 13.58 -4.54 -18.75
C MET B 105 13.74 -4.41 -17.25
N ALA B 106 12.71 -3.89 -16.62
CA ALA B 106 12.78 -3.65 -15.17
C ALA B 106 12.08 -4.79 -14.46
N ILE B 107 12.74 -5.39 -13.49
CA ILE B 107 12.13 -6.45 -12.68
C ILE B 107 10.77 -6.01 -12.11
N ASN B 108 10.64 -4.74 -11.75
CA ASN B 108 9.39 -4.30 -11.16
C ASN B 108 8.23 -4.18 -12.14
N THR B 109 8.49 -4.31 -13.45
CA THR B 109 7.40 -4.21 -14.43
C THR B 109 7.08 -5.56 -15.12
N ILE B 110 7.64 -6.65 -14.64
CA ILE B 110 7.33 -7.98 -15.18
C ILE B 110 6.88 -8.94 -14.08
N VAL B 111 6.24 -8.39 -13.03
CA VAL B 111 5.82 -9.20 -11.89
C VAL B 111 4.60 -10.04 -12.19
N LYS B 112 4.73 -11.36 -12.02
CA LYS B 112 3.57 -12.26 -12.11
C LYS B 112 3.05 -12.50 -10.70
N ALA B 113 1.78 -12.23 -10.47
CA ALA B 113 1.23 -12.49 -9.15
C ALA B 113 1.18 -13.99 -8.79
N GLU B 114 1.13 -14.28 -7.49
CA GLU B 114 0.87 -15.61 -6.97
C GLU B 114 -0.63 -15.88 -7.03
N ALA B 115 -1.00 -17.11 -7.36
CA ALA B 115 -2.39 -17.50 -7.44
C ALA B 115 -3.06 -17.52 -6.08
N PRO B 116 -4.34 -17.16 -6.03
CA PRO B 116 -5.12 -17.35 -4.82
C PRO B 116 -5.38 -18.83 -4.56
N SER B 117 -5.84 -19.14 -3.36
CA SER B 117 -5.98 -20.51 -2.92
C SER B 117 -7.25 -20.63 -2.06
N ASP B 118 -7.60 -21.85 -1.69
CA ASP B 118 -8.69 -22.12 -0.76
C ASP B 118 -10.01 -21.59 -1.27
N LEU B 119 -10.22 -21.72 -2.56
CA LEU B 119 -11.47 -21.28 -3.18
C LEU B 119 -12.61 -22.14 -2.63
N LYS B 120 -13.70 -21.50 -2.19
CA LYS B 120 -14.84 -22.17 -1.59
C LYS B 120 -16.13 -21.47 -1.99
N VAL B 121 -17.18 -22.24 -2.20
CA VAL B 121 -18.47 -21.69 -2.59
C VAL B 121 -19.52 -22.30 -1.66
N VAL B 122 -20.34 -21.45 -1.07
CA VAL B 122 -21.41 -21.90 -0.18
C VAL B 122 -22.72 -21.33 -0.64
N TYR B 123 -23.71 -22.19 -0.79
CA TYR B 123 -25.06 -21.76 -1.10
C TYR B 123 -25.75 -21.23 0.14
N ARG B 124 -26.28 -20.01 0.03
CA ARG B 124 -27.03 -19.35 1.10
C ARG B 124 -28.52 -19.21 0.73
N LYS B 125 -29.36 -20.10 1.25
CA LYS B 125 -30.75 -20.12 0.80
C LYS B 125 -31.48 -18.84 1.17
N GLU B 126 -31.23 -18.37 2.39
CA GLU B 126 -31.89 -17.16 2.89
C GLU B 126 -31.56 -15.98 2.00
N ALA B 127 -30.36 -15.96 1.42
CA ALA B 127 -29.96 -14.87 0.52
C ALA B 127 -30.22 -15.17 -0.96
N ASN B 128 -30.66 -16.39 -1.27
CA ASN B 128 -30.75 -16.85 -2.66
C ASN B 128 -29.50 -16.52 -3.46
N ASP B 129 -28.36 -16.91 -2.93
CA ASP B 129 -27.12 -16.68 -3.63
C ASP B 129 -26.05 -17.66 -3.20
N PHE B 130 -24.91 -17.55 -3.88
CA PHE B 130 -23.72 -18.34 -3.60
C PHE B 130 -22.64 -17.41 -3.13
N LEU B 131 -22.08 -17.69 -1.97
CA LEU B 131 -20.95 -16.91 -1.46
C LEU B 131 -19.63 -17.56 -1.83
N VAL B 132 -18.81 -16.82 -2.58
CA VAL B 132 -17.53 -17.28 -3.06
C VAL B 132 -16.44 -16.61 -2.21
N THR B 133 -15.57 -17.42 -1.62
CA THR B 133 -14.44 -16.92 -0.84
C THR B 133 -13.13 -17.60 -1.27
N PHE B 134 -12.03 -16.89 -1.11
CA PHE B 134 -10.70 -17.46 -1.35
C PHE B 134 -9.66 -16.68 -0.54
N ASN B 135 -8.45 -17.21 -0.53
CA ASN B 135 -7.37 -16.58 0.22
C ASN B 135 -6.38 -15.94 -0.74
N ALA B 136 -5.99 -14.72 -0.39
CA ALA B 136 -5.18 -13.87 -1.25
C ALA B 136 -3.80 -13.71 -0.59
N PRO B 137 -2.80 -14.41 -1.11
CA PRO B 137 -1.50 -14.47 -0.44
C PRO B 137 -0.78 -13.13 -0.38
N HIS B 138 -0.99 -12.24 -1.35
CA HIS B 138 -0.26 -10.99 -1.37
C HIS B 138 -0.53 -10.13 -0.14
N LEU B 139 -1.70 -10.32 0.48
CA LEU B 139 -2.07 -9.50 1.64
C LEU B 139 -1.04 -9.61 2.75
N LYS B 140 -0.40 -10.77 2.85
CA LYS B 140 0.60 -11.00 3.89
C LYS B 140 2.06 -10.69 3.48
N LYS B 141 2.28 -10.19 2.27
CA LYS B 141 3.63 -9.96 1.76
C LYS B 141 4.15 -8.58 2.11
N LYS B 142 5.46 -8.39 1.93
CA LYS B 142 6.12 -7.15 2.25
C LYS B 142 5.83 -6.03 1.26
N TYR B 143 5.80 -6.36 -0.04
CA TYR B 143 5.64 -5.42 -1.15
C TYR B 143 4.41 -5.91 -1.88
N LEU B 144 3.82 -5.06 -2.70
CA LEU B 144 2.76 -5.51 -3.61
C LEU B 144 1.68 -6.33 -2.89
N LYS B 145 0.91 -5.66 -2.05
CA LYS B 145 -0.06 -6.30 -1.19
C LYS B 145 -1.43 -6.37 -1.85
N LYS B 146 -1.64 -5.43 -2.78
CA LYS B 146 -2.89 -5.32 -3.51
C LYS B 146 -2.83 -5.77 -4.98
N VAL B 147 -3.72 -6.72 -5.25
CA VAL B 147 -3.86 -7.29 -6.57
C VAL B 147 -5.32 -7.21 -6.94
N LYS B 148 -5.58 -7.33 -8.23
CA LYS B 148 -6.93 -7.40 -8.75
C LYS B 148 -7.19 -8.88 -9.00
N HIS B 149 -8.36 -9.39 -8.58
CA HIS B 149 -8.71 -10.80 -8.77
C HIS B 149 -9.72 -10.95 -9.90
N ASP B 150 -9.70 -12.12 -10.51
CA ASP B 150 -10.55 -12.49 -11.63
C ASP B 150 -11.14 -13.85 -11.31
N VAL B 151 -12.42 -13.87 -10.93
CA VAL B 151 -13.15 -15.10 -10.67
C VAL B 151 -13.90 -15.51 -11.94
N ALA B 152 -13.76 -16.76 -12.34
CA ALA B 152 -14.36 -17.25 -13.57
C ALA B 152 -15.17 -18.50 -13.23
N TYR B 153 -16.37 -18.60 -13.77
CA TYR B 153 -17.20 -19.79 -13.57
C TYR B 153 -18.02 -20.13 -14.81
N ARG B 154 -18.34 -21.42 -14.89
CA ARG B 154 -19.22 -21.95 -15.93
C ARG B 154 -19.61 -23.37 -15.57
N PRO B 155 -20.66 -23.90 -16.23
CA PRO B 155 -21.05 -25.28 -15.91
C PRO B 155 -19.89 -26.25 -16.15
N ALA B 156 -19.78 -27.26 -15.28
CA ALA B 156 -18.66 -28.20 -15.30
C ALA B 156 -18.69 -29.07 -16.55
N ARG B 157 -19.88 -29.32 -17.08
CA ARG B 157 -19.99 -30.14 -18.31
C ARG B 157 -20.45 -29.31 -19.48
N GLY B 158 -19.84 -29.53 -20.64
CA GLY B 158 -20.24 -28.85 -21.83
C GLY B 158 -19.43 -27.60 -22.04
N GLU B 159 -19.70 -26.94 -23.16
CA GLU B 159 -18.97 -25.76 -23.56
C GLU B 159 -19.81 -24.52 -23.31
N SER B 160 -19.20 -23.52 -22.66
CA SER B 160 -19.80 -22.23 -22.33
C SER B 160 -18.72 -21.17 -22.32
N ASN B 161 -19.07 -19.92 -22.59
CA ASN B 161 -18.20 -18.80 -22.31
C ASN B 161 -18.15 -18.59 -20.81
N TRP B 162 -16.94 -18.53 -20.24
CA TRP B 162 -16.81 -18.33 -18.79
C TRP B 162 -17.40 -16.98 -18.41
N THR B 163 -18.09 -16.93 -17.29
CA THR B 163 -18.46 -15.65 -16.71
C THR B 163 -17.34 -15.17 -15.80
N HIS B 164 -16.90 -13.93 -15.96
CA HIS B 164 -15.83 -13.37 -15.14
C HIS B 164 -16.34 -12.33 -14.18
N VAL B 165 -15.79 -12.32 -12.98
CA VAL B 165 -16.09 -11.29 -11.98
C VAL B 165 -14.79 -10.66 -11.56
N SER B 166 -14.69 -9.33 -11.66
CA SER B 166 -13.48 -8.63 -11.30
C SER B 166 -13.61 -8.14 -9.85
N LEU B 167 -12.65 -8.43 -8.98
CA LEU B 167 -12.77 -8.09 -7.54
C LEU B 167 -11.48 -7.54 -7.00
N PHE B 168 -11.54 -6.68 -5.98
CA PHE B 168 -10.35 -6.29 -5.23
C PHE B 168 -10.30 -6.84 -3.82
N HIS B 169 -11.30 -7.63 -3.47
CA HIS B 169 -11.34 -8.31 -2.17
C HIS B 169 -11.56 -9.81 -2.37
N THR B 170 -11.66 -10.56 -1.29
CA THR B 170 -11.57 -12.03 -1.38
C THR B 170 -12.91 -12.71 -1.18
N ARG B 171 -13.97 -11.99 -1.51
CA ARG B 171 -15.28 -12.59 -1.54
C ARG B 171 -16.19 -11.93 -2.55
N THR B 172 -17.13 -12.70 -3.05
CA THR B 172 -18.15 -12.15 -3.91
C THR B 172 -19.36 -13.07 -3.82
N THR B 173 -20.48 -12.61 -4.36
CA THR B 173 -21.69 -13.43 -4.34
C THR B 173 -22.20 -13.58 -5.77
N ILE B 174 -22.79 -14.70 -6.04
CA ILE B 174 -23.48 -14.96 -7.29
C ILE B 174 -24.95 -15.23 -7.02
N PRO B 175 -25.84 -14.41 -7.60
CA PRO B 175 -27.27 -14.67 -7.35
C PRO B 175 -27.70 -16.01 -7.96
N GLN B 176 -28.54 -16.72 -7.22
CA GLN B 176 -29.01 -18.04 -7.59
C GLN B 176 -29.59 -18.04 -8.97
N ARG B 177 -30.39 -17.02 -9.26
CA ARG B 177 -31.14 -16.95 -10.50
C ARG B 177 -30.22 -16.85 -11.70
N LYS B 178 -28.98 -16.49 -11.48
CA LYS B 178 -28.04 -16.34 -12.59
C LYS B 178 -27.59 -17.68 -13.14
N LEU B 179 -27.75 -18.73 -12.34
CA LEU B 179 -27.23 -20.04 -12.68
C LEU B 179 -28.34 -21.01 -13.03
N ARG B 180 -28.02 -22.06 -13.78
CA ARG B 180 -28.99 -23.11 -14.06
C ARG B 180 -29.20 -23.91 -12.78
N PRO B 181 -30.42 -24.39 -12.56
CA PRO B 181 -30.69 -25.24 -11.40
C PRO B 181 -30.25 -26.68 -11.60
N LYS B 182 -30.01 -27.34 -10.48
CA LYS B 182 -29.68 -28.75 -10.49
C LYS B 182 -28.54 -29.02 -11.40
N ALA B 183 -27.52 -28.18 -11.35
CA ALA B 183 -26.34 -28.35 -12.21
C ALA B 183 -25.05 -28.19 -11.43
N MET B 184 -23.98 -28.73 -12.00
CA MET B 184 -22.65 -28.61 -11.41
C MET B 184 -21.87 -27.55 -12.14
N TYR B 185 -21.28 -26.63 -11.36
CA TYR B 185 -20.44 -25.55 -11.89
C TYR B 185 -18.97 -25.76 -11.54
N GLU B 186 -18.10 -25.30 -12.42
CA GLU B 186 -16.68 -25.18 -12.15
C GLU B 186 -16.34 -23.71 -11.91
N ILE B 187 -15.41 -23.46 -10.99
CA ILE B 187 -15.04 -22.09 -10.64
C ILE B 187 -13.55 -22.07 -10.29
N LYS B 188 -12.90 -20.98 -10.67
CA LYS B 188 -11.47 -20.79 -10.43
C LYS B 188 -11.20 -19.29 -10.35
N VAL B 189 -10.00 -18.94 -9.87
CA VAL B 189 -9.67 -17.53 -9.65
C VAL B 189 -8.17 -17.27 -9.88
N ARG B 190 -7.88 -16.08 -10.40
CA ARG B 190 -6.50 -15.67 -10.61
C ARG B 190 -6.35 -14.21 -10.23
N SER B 191 -5.10 -13.75 -10.19
CA SER B 191 -4.79 -12.38 -9.73
C SER B 191 -3.74 -11.71 -10.57
N ILE B 192 -3.76 -10.38 -10.59
CA ILE B 192 -2.74 -9.62 -11.31
C ILE B 192 -2.36 -8.40 -10.45
N PRO B 193 -1.09 -7.95 -10.53
CA PRO B 193 -0.70 -6.79 -9.74
C PRO B 193 -1.54 -5.58 -10.07
N HIS B 194 -1.84 -4.78 -9.05
CA HIS B 194 -2.60 -3.54 -9.21
C HIS B 194 -1.95 -2.47 -8.31
N ASN B 195 -0.95 -1.79 -8.85
CA ASN B 195 0.00 -1.02 -8.06
C ASN B 195 0.58 0.04 -8.99
N ASP B 196 0.87 1.25 -8.52
CA ASP B 196 1.26 2.26 -9.53
C ASP B 196 2.74 2.11 -9.90
N TYR B 197 3.45 1.22 -9.20
CA TYR B 197 4.88 0.98 -9.48
C TYR B 197 5.14 -0.42 -10.02
N PHE B 198 4.62 -1.42 -9.32
CA PHE B 198 4.78 -2.81 -9.73
C PHE B 198 3.71 -3.15 -10.74
N LYS B 199 4.15 -3.73 -11.85
CA LYS B 199 3.25 -4.07 -12.96
C LYS B 199 3.60 -5.43 -13.42
N GLY B 200 2.68 -6.13 -14.04
CA GLY B 200 3.09 -7.35 -14.69
C GLY B 200 1.96 -8.19 -15.25
N PHE B 201 1.84 -9.42 -14.75
CA PHE B 201 1.07 -10.47 -15.41
C PHE B 201 0.12 -11.23 -14.51
N TRP B 202 -0.92 -11.79 -15.12
CA TRP B 202 -1.84 -12.69 -14.42
C TRP B 202 -1.11 -13.87 -13.83
N SER B 203 -1.49 -14.20 -12.59
CA SER B 203 -1.09 -15.46 -11.99
C SER B 203 -1.62 -16.65 -12.76
N GLU B 204 -1.10 -17.83 -12.44
CA GLU B 204 -1.75 -19.09 -12.79
C GLU B 204 -3.17 -19.07 -12.20
N TRP B 205 -4.10 -19.81 -12.81
CA TRP B 205 -5.40 -20.04 -12.15
C TRP B 205 -5.21 -20.84 -10.87
N SER B 206 -6.01 -20.55 -9.86
CA SER B 206 -6.15 -21.50 -8.76
C SER B 206 -6.59 -22.87 -9.33
N PRO B 207 -6.41 -23.93 -8.54
CA PRO B 207 -7.10 -25.17 -8.89
C PRO B 207 -8.59 -24.87 -8.96
N SER B 208 -9.32 -25.56 -9.80
CA SER B 208 -10.77 -25.37 -9.87
C SER B 208 -11.52 -26.04 -8.74
N SER B 209 -12.53 -25.35 -8.24
CA SER B 209 -13.52 -25.97 -7.35
C SER B 209 -14.78 -26.28 -8.14
N THR B 210 -15.64 -27.15 -7.61
CA THR B 210 -16.93 -27.38 -8.25
C THR B 210 -17.96 -27.20 -7.18
N PHE B 211 -19.16 -26.83 -7.58
CA PHE B 211 -20.28 -26.72 -6.67
C PHE B 211 -21.54 -27.05 -7.41
N GLU B 212 -22.59 -27.37 -6.66
CA GLU B 212 -23.87 -27.78 -7.21
C GLU B 212 -24.95 -26.75 -6.91
N THR B 213 -25.84 -26.54 -7.85
CA THR B 213 -26.94 -25.61 -7.65
C THR B 213 -28.21 -26.37 -7.28
N PRO B 214 -29.06 -25.73 -6.49
CA PRO B 214 -30.29 -26.41 -6.05
C PRO B 214 -31.43 -26.30 -7.04
N GLU B 215 -32.58 -26.88 -6.70
CA GLU B 215 -33.79 -26.60 -7.46
C GLU B 215 -34.16 -25.12 -7.27
N PRO B 216 -34.89 -24.53 -8.24
CA PRO B 216 -35.25 -23.10 -8.13
C PRO B 216 -36.34 -22.86 -7.08
N ASP C 9 -2.80 5.61 30.45
CA ASP C 9 -2.51 5.58 29.02
C ASP C 9 -2.94 6.88 28.35
N VAL C 10 -1.96 7.62 27.83
CA VAL C 10 -2.18 8.90 27.19
C VAL C 10 -2.46 8.71 25.70
N THR C 11 -3.43 9.44 25.16
CA THR C 11 -3.73 9.41 23.72
C THR C 11 -3.51 10.78 23.08
N VAL C 12 -3.02 10.77 21.85
CA VAL C 12 -2.83 11.98 21.08
C VAL C 12 -3.56 11.81 19.75
N VAL C 13 -4.44 12.74 19.40
CA VAL C 13 -5.10 12.76 18.08
C VAL C 13 -4.99 14.16 17.49
N CYS C 14 -4.56 14.21 16.24
CA CYS C 14 -4.50 15.47 15.53
C CYS C 14 -5.71 15.56 14.63
N HIS C 15 -6.68 16.38 15.03
CA HIS C 15 -7.94 16.48 14.28
C HIS C 15 -7.81 17.30 13.01
N ASP C 16 -7.81 16.63 11.86
CA ASP C 16 -7.85 17.27 10.56
C ASP C 16 -6.73 18.27 10.32
N LEU C 17 -5.56 18.08 10.96
CA LEU C 17 -4.44 19.01 10.86
C LEU C 17 -4.83 20.44 11.35
N GLU C 18 -5.84 20.53 12.23
CA GLU C 18 -6.30 21.82 12.77
C GLU C 18 -5.94 21.97 14.26
N THR C 19 -6.24 20.94 15.03
CA THR C 19 -5.95 20.92 16.45
C THR C 19 -5.30 19.60 16.82
N VAL C 20 -4.63 19.59 17.96
CA VAL C 20 -4.12 18.38 18.57
C VAL C 20 -4.76 18.23 19.93
N GLU C 21 -5.32 17.06 20.19
CA GLU C 21 -6.03 16.78 21.43
C GLU C 21 -5.28 15.68 22.17
N VAL C 22 -4.87 15.99 23.39
CA VAL C 22 -4.14 15.09 24.24
C VAL C 22 -5.04 14.77 25.41
N THR C 23 -5.21 13.47 25.70
CA THR C 23 -6.15 13.02 26.72
C THR C 23 -5.46 12.03 27.67
N TRP C 24 -5.61 12.26 28.97
CA TRP C 24 -5.09 11.35 29.97
C TRP C 24 -6.15 11.00 31.02
N GLY C 25 -5.80 10.14 31.97
CA GLY C 25 -6.71 9.75 33.05
C GLY C 25 -7.48 8.49 32.76
N ALA C 33 -3.92 11.75 39.89
CA ALA C 33 -3.32 13.03 40.23
C ALA C 33 -3.70 14.12 39.24
N ASN C 34 -3.06 15.28 39.35
CA ASN C 34 -3.36 16.42 38.48
C ASN C 34 -2.22 16.73 37.51
N LEU C 35 -2.36 16.30 36.26
CA LEU C 35 -1.28 16.46 35.30
C LEU C 35 -1.32 17.82 34.60
N SER C 36 -0.14 18.28 34.20
CA SER C 36 0.02 19.51 33.43
C SER C 36 0.83 19.21 32.16
N LEU C 37 0.50 19.93 31.10
CA LEU C 37 1.10 19.71 29.78
C LEU C 37 1.77 20.98 29.30
N GLU C 38 3.02 20.84 28.86
CA GLU C 38 3.70 21.88 28.13
C GLU C 38 3.96 21.37 26.70
N PHE C 39 4.09 22.29 25.75
CA PHE C 39 4.32 21.92 24.36
C PHE C 39 5.09 23.01 23.65
N ARG C 40 5.71 22.65 22.54
CA ARG C 40 6.35 23.62 21.66
C ARG C 40 6.47 23.00 20.28
N TYR C 41 6.51 23.85 19.27
CA TYR C 41 6.91 23.44 17.92
C TYR C 41 8.36 23.85 17.67
N GLY C 42 9.16 22.89 17.20
CA GLY C 42 10.55 23.16 16.93
C GLY C 42 11.39 23.17 18.20
N THR C 43 12.24 24.18 18.36
CA THR C 43 13.18 24.21 19.48
C THR C 43 13.04 25.48 20.30
N GLY C 44 11.90 26.16 20.14
CA GLY C 44 11.59 27.36 20.90
C GLY C 44 11.20 27.05 22.33
N ALA C 45 10.55 28.01 22.98
CA ALA C 45 10.21 27.91 24.40
C ALA C 45 8.97 27.05 24.62
N LEU C 46 9.07 26.14 25.58
CA LEU C 46 7.91 25.37 26.01
C LEU C 46 6.81 26.32 26.41
N GLN C 47 5.56 25.95 26.14
CA GLN C 47 4.40 26.77 26.45
C GLN C 47 3.35 25.93 27.15
N PRO C 48 2.52 26.56 28.01
CA PRO C 48 1.50 25.78 28.71
C PRO C 48 0.36 25.40 27.78
N CYS C 49 -0.34 24.32 28.11
CA CYS C 49 -1.58 23.96 27.43
C CYS C 49 -2.50 25.19 27.36
N PRO C 50 -2.99 25.56 26.16
CA PRO C 50 -3.82 26.75 26.06
C PRO C 50 -5.23 26.56 26.63
N ARG C 51 -5.68 25.31 26.70
CA ARG C 51 -7.02 25.00 27.20
C ARG C 51 -7.10 23.57 27.72
N TYR C 52 -7.23 23.43 29.04
CA TYR C 52 -7.41 22.12 29.66
C TYR C 52 -8.88 21.72 29.72
N PHE C 53 -9.13 20.42 29.69
CA PHE C 53 -10.40 19.86 30.09
C PHE C 53 -10.31 19.56 31.58
N LEU C 54 -11.17 20.19 32.39
CA LEU C 54 -11.11 20.10 33.84
C LEU C 54 -12.35 19.40 34.42
N SER C 55 -12.14 18.63 35.50
CA SER C 55 -13.25 18.09 36.29
C SER C 55 -13.83 19.13 37.27
N GLY C 56 -14.87 18.74 37.99
CA GLY C 56 -15.46 19.59 39.00
C GLY C 56 -14.45 19.98 40.08
N ALA C 57 -13.56 19.06 40.42
CA ALA C 57 -12.56 19.32 41.46
C ALA C 57 -11.36 20.10 40.91
N GLY C 58 -11.33 20.27 39.59
CA GLY C 58 -10.27 21.04 38.96
C GLY C 58 -9.04 20.24 38.61
N VAL C 59 -9.20 18.93 38.39
CA VAL C 59 -8.08 18.11 37.92
C VAL C 59 -8.22 17.88 36.41
N THR C 60 -7.09 17.99 35.72
CA THR C 60 -7.07 17.96 34.27
C THR C 60 -7.30 16.57 33.71
N SER C 61 -8.00 16.53 32.58
CA SER C 61 -8.37 15.32 31.86
C SER C 61 -7.74 15.30 30.43
N GLY C 62 -7.30 16.47 29.98
CA GLY C 62 -6.73 16.61 28.64
C GLY C 62 -6.46 18.06 28.27
N CYS C 63 -6.05 18.25 27.03
CA CYS C 63 -5.65 19.55 26.48
C CYS C 63 -5.94 19.56 24.99
N ILE C 64 -6.36 20.70 24.48
CA ILE C 64 -6.42 20.90 23.03
C ILE C 64 -5.50 22.05 22.67
N LEU C 65 -4.68 21.83 21.65
CA LEU C 65 -3.74 22.83 21.21
C LEU C 65 -3.73 22.92 19.69
N PRO C 66 -3.12 23.98 19.13
CA PRO C 66 -3.18 24.11 17.68
C PRO C 66 -2.22 23.17 16.96
N ALA C 67 -2.64 22.69 15.80
CA ALA C 67 -1.81 21.87 14.96
C ALA C 67 -1.05 22.76 14.00
N ALA C 68 0.22 22.48 13.79
CA ALA C 68 0.99 23.13 12.75
C ALA C 68 1.30 22.11 11.69
N ARG C 69 1.19 22.45 10.40
CA ARG C 69 1.36 21.43 9.36
C ARG C 69 2.79 20.97 9.27
N ALA C 70 3.71 21.78 9.78
CA ALA C 70 5.12 21.40 9.73
C ALA C 70 5.75 21.69 11.08
N GLY C 71 6.94 21.14 11.28
CA GLY C 71 7.66 21.35 12.52
C GLY C 71 7.31 20.27 13.50
N LEU C 72 8.22 20.00 14.43
CA LEU C 72 8.03 18.90 15.37
C LEU C 72 7.33 19.40 16.59
N LEU C 73 6.26 18.70 16.93
CA LEU C 73 5.54 18.95 18.15
C LEU C 73 6.13 18.16 19.31
N GLU C 74 6.65 18.86 20.31
CA GLU C 74 7.13 18.22 21.51
C GLU C 74 6.09 18.34 22.60
N LEU C 75 5.77 17.23 23.24
CA LEU C 75 4.81 17.20 24.32
C LEU C 75 5.51 16.77 25.61
N ALA C 76 5.21 17.46 26.72
CA ALA C 76 5.72 17.09 28.02
C ALA C 76 4.60 17.14 29.05
N LEU C 77 4.20 15.97 29.52
CA LEU C 77 3.15 15.80 30.49
C LEU C 77 3.79 15.48 31.83
N ARG C 78 3.57 16.33 32.83
CA ARG C 78 4.20 16.17 34.15
C ARG C 78 3.21 16.09 35.32
N ASP C 79 3.60 15.32 36.35
CA ASP C 79 2.84 15.20 37.60
C ASP C 79 3.01 16.46 38.42
N GLY C 80 2.16 16.62 39.42
CA GLY C 80 2.39 17.64 40.43
C GLY C 80 3.69 17.29 41.11
N GLY C 81 4.65 18.19 41.08
CA GLY C 81 5.98 17.92 41.60
C GLY C 81 7.02 18.09 40.51
N GLY C 82 6.60 17.91 39.26
CA GLY C 82 7.44 18.20 38.11
C GLY C 82 8.03 16.98 37.44
N ALA C 83 7.48 15.80 37.72
CA ALA C 83 7.98 14.56 37.16
C ALA C 83 7.42 14.29 35.77
N MET C 84 8.25 13.82 34.84
CA MET C 84 7.76 13.45 33.50
C MET C 84 6.97 12.14 33.52
N VAL C 85 5.72 12.18 33.04
CA VAL C 85 4.90 10.97 32.94
C VAL C 85 4.68 10.57 31.49
N PHE C 86 4.85 11.52 30.57
CA PHE C 86 4.73 11.24 29.14
C PHE C 86 5.46 12.27 28.31
N LYS C 87 6.21 11.79 27.32
CA LYS C 87 6.92 12.67 26.40
C LYS C 87 6.74 12.15 24.98
N ALA C 88 6.75 13.07 24.03
CA ALA C 88 6.67 12.71 22.63
C ALA C 88 7.24 13.82 21.82
N ARG C 89 7.78 13.49 20.66
CA ARG C 89 8.28 14.49 19.73
C ARG C 89 8.19 13.98 18.28
N GLN C 90 7.17 14.47 17.58
CA GLN C 90 6.87 14.06 16.19
C GLN C 90 6.11 15.19 15.50
N ARG C 91 6.03 15.19 14.18
CA ARG C 91 5.04 16.04 13.52
C ARG C 91 3.63 15.79 14.08
N ALA C 92 2.84 16.85 14.17
CA ALA C 92 1.47 16.71 14.63
C ALA C 92 0.69 15.74 13.75
N SER C 93 0.99 15.78 12.46
CA SER C 93 0.31 14.92 11.51
C SER C 93 0.55 13.44 11.80
N ALA C 94 1.54 13.13 12.63
CA ALA C 94 1.81 11.73 12.97
C ALA C 94 0.52 11.12 13.59
N TRP C 95 -0.29 11.94 14.25
CA TRP C 95 -1.49 11.45 14.88
C TRP C 95 -2.77 11.82 14.12
N LEU C 96 -2.64 12.10 12.82
CA LEU C 96 -3.78 12.57 12.04
C LEU C 96 -4.99 11.63 12.02
N LYS C 97 -6.12 12.23 12.35
CA LYS C 97 -7.45 11.70 12.08
C LYS C 97 -8.21 12.74 11.27
N PRO C 98 -8.45 12.49 9.98
CA PRO C 98 -9.14 13.50 9.20
C PRO C 98 -10.60 13.67 9.64
N ARG C 99 -11.16 14.82 9.32
CA ARG C 99 -12.59 15.03 9.41
C ARG C 99 -13.25 14.15 8.36
N PRO C 100 -14.50 13.70 8.58
CA PRO C 100 -15.18 13.03 7.48
C PRO C 100 -15.45 13.95 6.30
N PRO C 101 -15.55 13.40 5.09
CA PRO C 101 -15.95 14.17 3.90
C PRO C 101 -17.24 14.94 4.10
N TRP C 102 -17.39 16.14 3.55
CA TRP C 102 -18.47 17.05 3.97
C TRP C 102 -19.90 16.70 3.50
N GLN C 103 -19.98 16.30 2.23
CA GLN C 103 -21.27 15.94 1.58
C GLN C 103 -20.95 15.01 0.43
N VAL C 104 -21.58 13.86 0.42
CA VAL C 104 -21.34 12.86 -0.61
C VAL C 104 -22.46 12.92 -1.64
N THR C 105 -22.10 12.84 -2.91
CA THR C 105 -23.10 12.79 -4.01
C THR C 105 -23.00 11.48 -4.78
N LEU C 106 -24.16 10.95 -5.16
CA LEU C 106 -24.29 9.71 -5.93
C LEU C 106 -25.01 10.01 -7.23
N LEU C 107 -24.38 9.68 -8.35
CA LEU C 107 -24.92 10.00 -9.66
C LEU C 107 -24.99 8.76 -10.54
N TRP C 108 -26.19 8.29 -10.86
CA TRP C 108 -26.36 7.26 -11.89
C TRP C 108 -25.91 7.73 -13.25
N THR C 109 -24.98 6.98 -13.82
CA THR C 109 -24.51 7.20 -15.17
C THR C 109 -25.42 6.40 -16.10
N PRO C 110 -25.38 6.69 -17.40
CA PRO C 110 -26.18 5.85 -18.31
C PRO C 110 -25.67 4.40 -18.42
N ASP C 111 -24.41 4.15 -18.08
CA ASP C 111 -23.82 2.80 -18.10
C ASP C 111 -24.47 1.82 -17.12
N GLY C 112 -25.09 2.34 -16.08
CA GLY C 112 -25.54 1.50 -14.98
C GLY C 112 -24.59 1.60 -13.79
N ASP C 113 -23.61 2.48 -13.92
CA ASP C 113 -22.66 2.75 -12.85
C ASP C 113 -23.15 3.89 -11.98
N VAL C 114 -22.56 4.00 -10.79
CA VAL C 114 -22.79 5.11 -9.90
C VAL C 114 -21.46 5.80 -9.63
N THR C 115 -21.44 7.09 -9.88
CA THR C 115 -20.28 7.92 -9.58
C THR C 115 -20.50 8.50 -8.20
N VAL C 116 -19.58 8.22 -7.31
CA VAL C 116 -19.60 8.76 -5.96
C VAL C 116 -18.58 9.90 -5.91
N SER C 117 -18.99 11.07 -5.45
CA SER C 117 -18.08 12.23 -5.37
C SER C 117 -18.21 12.98 -4.05
N TRP C 118 -17.19 13.76 -3.74
CA TRP C 118 -17.11 14.47 -2.46
C TRP C 118 -16.15 15.63 -2.63
N PRO C 119 -16.27 16.65 -1.76
CA PRO C 119 -15.32 17.76 -1.80
C PRO C 119 -13.97 17.32 -1.24
N ALA C 120 -12.88 17.92 -1.70
CA ALA C 120 -11.54 17.58 -1.21
C ALA C 120 -11.27 18.10 0.20
N HIS C 121 -10.41 17.40 0.93
CA HIS C 121 -9.81 17.99 2.13
C HIS C 121 -8.78 19.03 1.72
N SER C 122 -8.30 19.82 2.69
CA SER C 122 -7.38 20.91 2.39
C SER C 122 -5.92 20.46 2.48
N TYR C 123 -5.69 19.15 2.46
CA TYR C 123 -4.32 18.62 2.47
C TYR C 123 -4.24 17.30 1.71
N LEU C 124 -3.06 16.97 1.25
CA LEU C 124 -2.86 15.80 0.43
C LEU C 124 -2.64 14.53 1.25
N GLY C 125 -2.51 13.40 0.56
CA GLY C 125 -2.11 12.16 1.18
C GLY C 125 -3.25 11.34 1.78
N LEU C 126 -4.49 11.56 1.33
CA LEU C 126 -5.63 10.78 1.79
C LEU C 126 -6.14 9.86 0.70
N ASP C 127 -6.46 8.65 1.10
CA ASP C 127 -7.32 7.77 0.30
C ASP C 127 -8.73 7.89 0.84
N TYR C 128 -9.70 7.57 -0.01
CA TYR C 128 -11.09 7.56 0.38
C TYR C 128 -11.62 6.16 0.21
N GLU C 129 -12.35 5.71 1.22
CA GLU C 129 -12.98 4.42 1.18
C GLU C 129 -14.46 4.66 1.03
N VAL C 130 -15.05 4.04 0.01
CA VAL C 130 -16.47 4.10 -0.27
C VAL C 130 -17.10 2.74 -0.05
N GLN C 131 -18.10 2.68 0.82
CA GLN C 131 -18.79 1.42 1.08
C GLN C 131 -20.22 1.51 0.65
N HIS C 132 -20.78 0.41 0.19
CA HIS C 132 -22.17 0.36 -0.10
C HIS C 132 -22.74 -1.03 0.23
N ARG C 133 -24.06 -1.06 0.44
CA ARG C 133 -24.81 -2.31 0.59
C ARG C 133 -26.29 -2.03 0.36
N GLU C 134 -27.08 -3.05 0.08
CA GLU C 134 -28.52 -2.87 -0.01
C GLU C 134 -29.08 -2.31 1.29
N SER C 135 -30.03 -1.39 1.19
CA SER C 135 -30.65 -0.78 2.36
C SER C 135 -31.50 -1.82 3.13
N ASN C 136 -31.79 -2.94 2.48
CA ASN C 136 -32.46 -4.10 3.13
C ASN C 136 -31.50 -4.97 3.97
N GLU C 139 -29.04 -5.79 7.34
CA GLU C 139 -27.77 -5.95 8.04
C GLU C 139 -26.80 -6.82 7.25
N ASP C 140 -26.79 -6.63 5.92
CA ASP C 140 -25.87 -7.36 5.02
C ASP C 140 -24.46 -6.74 5.07
N ALA C 141 -23.48 -7.41 4.47
CA ALA C 141 -22.09 -6.97 4.55
C ALA C 141 -21.81 -5.82 3.59
N TRP C 142 -20.95 -4.91 4.01
CA TRP C 142 -20.56 -3.77 3.18
C TRP C 142 -19.52 -4.18 2.16
N GLN C 143 -19.65 -3.66 0.95
CA GLN C 143 -18.64 -3.79 -0.09
C GLN C 143 -17.81 -2.53 -0.13
N THR C 144 -16.50 -2.63 -0.31
CA THR C 144 -15.64 -1.44 -0.24
C THR C 144 -14.87 -1.24 -1.52
N THR C 145 -14.74 0.01 -1.91
CA THR C 145 -13.76 0.38 -2.92
C THR C 145 -13.03 1.65 -2.45
N SER C 146 -11.80 1.81 -2.92
CA SER C 146 -10.96 2.93 -2.48
C SER C 146 -10.32 3.62 -3.65
N GLY C 147 -10.00 4.90 -3.43
CA GLY C 147 -9.28 5.66 -4.42
C GLY C 147 -8.94 7.02 -3.87
N PRO C 148 -8.20 7.80 -4.65
CA PRO C 148 -7.80 9.15 -4.28
C PRO C 148 -8.96 10.13 -4.50
N CYS C 149 -8.81 11.36 -4.02
CA CYS C 149 -9.81 12.42 -4.25
C CYS C 149 -10.09 12.58 -5.76
N CYS C 150 -11.32 12.89 -6.16
CA CYS C 150 -12.48 13.13 -5.32
C CYS C 150 -13.71 12.42 -5.86
N ASP C 151 -13.51 11.38 -6.66
CA ASP C 151 -14.65 10.57 -7.06
C ASP C 151 -14.21 9.17 -7.46
N LEU C 152 -15.18 8.27 -7.45
CA LEU C 152 -14.93 6.95 -8.00
C LEU C 152 -16.24 6.33 -8.44
N THR C 153 -16.13 5.22 -9.16
CA THR C 153 -17.29 4.58 -9.76
C THR C 153 -17.59 3.26 -9.10
N VAL C 154 -18.87 3.00 -8.85
CA VAL C 154 -19.30 1.74 -8.27
C VAL C 154 -20.21 1.10 -9.29
N GLY C 155 -19.83 -0.08 -9.76
CA GLY C 155 -20.60 -0.78 -10.79
C GLY C 155 -21.54 -1.85 -10.27
N GLY C 156 -22.42 -2.31 -11.18
CA GLY C 156 -23.23 -3.50 -10.96
C GLY C 156 -24.43 -3.34 -10.04
N LEU C 157 -24.88 -2.11 -9.85
CA LEU C 157 -26.01 -1.89 -8.97
C LEU C 157 -27.32 -2.09 -9.72
N ASP C 158 -28.31 -2.54 -8.98
CA ASP C 158 -29.66 -2.75 -9.48
C ASP C 158 -30.46 -1.44 -9.49
N PRO C 159 -31.02 -1.04 -10.66
CA PRO C 159 -31.63 0.30 -10.72
C PRO C 159 -32.86 0.49 -9.83
N VAL C 160 -33.49 -0.58 -9.39
CA VAL C 160 -34.74 -0.45 -8.64
C VAL C 160 -34.59 -0.78 -7.16
N ARG C 161 -33.41 -1.23 -6.74
CA ARG C 161 -33.15 -1.46 -5.32
C ARG C 161 -32.59 -0.21 -4.65
N CYS C 162 -32.77 -0.11 -3.33
CA CYS C 162 -32.20 0.99 -2.56
C CYS C 162 -30.86 0.57 -1.96
N TYR C 163 -29.85 1.44 -2.07
CA TYR C 163 -28.54 1.19 -1.50
C TYR C 163 -28.16 2.27 -0.52
N ASP C 164 -27.43 1.86 0.52
CA ASP C 164 -26.77 2.78 1.45
C ASP C 164 -25.32 2.96 1.00
N PHE C 165 -24.84 4.19 1.02
CA PHE C 165 -23.42 4.50 0.76
C PHE C 165 -22.87 5.29 1.93
N ARG C 166 -21.61 5.04 2.26
CA ARG C 166 -20.89 5.87 3.24
C ARG C 166 -19.44 5.95 2.83
N VAL C 167 -18.77 7.01 3.28
CA VAL C 167 -17.40 7.30 2.88
C VAL C 167 -16.59 7.69 4.09
N ARG C 168 -15.30 7.34 4.07
CA ARG C 168 -14.37 7.91 5.03
C ARG C 168 -13.04 8.20 4.37
N ALA C 169 -12.29 9.11 4.98
CA ALA C 169 -10.96 9.44 4.53
C ALA C 169 -9.93 8.68 5.34
N SER C 170 -8.94 8.13 4.65
CA SER C 170 -7.94 7.29 5.29
C SER C 170 -6.53 7.78 4.96
N PRO C 171 -5.79 8.28 5.96
CA PRO C 171 -4.44 8.77 5.70
C PRO C 171 -3.55 7.69 5.17
N ARG C 172 -2.80 7.95 4.10
CA ARG C 172 -1.90 6.92 3.54
C ARG C 172 -0.75 6.68 4.49
N ALA C 173 -0.50 5.40 4.80
CA ALA C 173 0.54 5.05 5.75
C ALA C 173 1.90 5.60 5.34
N ALA C 174 2.29 5.47 4.08
CA ALA C 174 3.64 5.98 3.70
C ALA C 174 3.75 7.50 3.77
N HIS C 175 2.62 8.19 3.75
CA HIS C 175 2.60 9.64 3.72
C HIS C 175 2.63 10.23 5.16
N TYR C 176 1.82 9.64 6.02
CA TYR C 176 1.61 10.14 7.38
C TYR C 176 2.09 9.21 8.48
N GLY C 177 2.36 7.96 8.14
CA GLY C 177 2.82 7.03 9.14
C GLY C 177 1.73 6.20 9.78
N LEU C 178 2.15 5.33 10.69
CA LEU C 178 1.33 4.24 11.18
C LEU C 178 0.45 4.61 12.38
N GLU C 179 0.62 5.80 12.93
CA GLU C 179 -0.23 6.25 14.06
C GLU C 179 -1.42 7.13 13.62
N ALA C 180 -1.47 7.48 12.34
CA ALA C 180 -2.60 8.16 11.76
C ALA C 180 -3.72 7.17 11.65
N GLN C 181 -4.96 7.65 11.58
CA GLN C 181 -6.12 6.78 11.51
C GLN C 181 -7.24 7.38 10.66
N PRO C 182 -8.14 6.53 10.19
CA PRO C 182 -9.20 7.01 9.29
C PRO C 182 -10.22 7.87 9.98
N SER C 183 -10.87 8.74 9.22
CA SER C 183 -12.00 9.51 9.73
C SER C 183 -13.15 8.60 10.14
N GLU C 184 -14.11 9.16 10.84
CA GLU C 184 -15.40 8.53 10.99
C GLU C 184 -16.05 8.43 9.60
N TRP C 185 -16.98 7.50 9.47
CA TRP C 185 -17.79 7.39 8.29
C TRP C 185 -18.74 8.56 8.19
N THR C 186 -19.04 8.97 6.96
CA THR C 186 -20.15 9.87 6.72
C THR C 186 -21.44 9.20 7.13
N ALA C 187 -22.43 10.02 7.43
CA ALA C 187 -23.80 9.54 7.58
C ALA C 187 -24.17 8.87 6.27
N VAL C 188 -24.99 7.84 6.33
CA VAL C 188 -25.43 7.18 5.12
C VAL C 188 -26.17 8.07 4.11
N THR C 189 -25.84 7.89 2.83
CA THR C 189 -26.55 8.50 1.73
C THR C 189 -27.21 7.40 0.97
N ARG C 190 -28.52 7.50 0.79
CA ARG C 190 -29.28 6.42 0.18
C ARG C 190 -29.54 6.65 -1.31
N LEU C 191 -29.35 5.62 -2.10
CA LEU C 191 -29.50 5.73 -3.54
C LEU C 191 -30.66 4.90 -4.02
N SER C 192 -31.41 5.47 -4.95
CA SER C 192 -32.49 4.78 -5.66
C SER C 192 -32.36 5.01 -7.17
N GLY C 193 -31.81 4.03 -7.88
CA GLY C 193 -31.62 4.12 -9.32
C GLY C 193 -32.76 4.70 -10.13
N ALA C 194 -33.84 3.93 -10.28
CA ALA C 194 -34.99 4.39 -11.04
C ALA C 194 -36.16 4.75 -10.12
N ALA C 195 -35.96 4.61 -8.82
CA ALA C 195 -37.02 4.84 -7.84
C ALA C 195 -36.89 6.22 -7.18
N SER C 196 -38.02 6.72 -6.67
CA SER C 196 -38.03 7.96 -5.90
C SER C 196 -37.34 7.76 -4.55
N ALA C 197 -37.06 8.87 -3.85
CA ALA C 197 -36.40 8.80 -2.54
C ALA C 197 -37.31 8.19 -1.46
N ALA C 198 -38.62 8.29 -1.64
CA ALA C 198 -39.57 7.74 -0.68
C ALA C 198 -39.68 6.22 -0.81
N SER C 199 -38.98 5.64 -1.76
CA SER C 199 -38.90 4.19 -1.91
C SER C 199 -37.79 3.63 -1.01
N CYS C 200 -37.09 4.54 -0.31
CA CYS C 200 -35.91 4.19 0.47
C CYS C 200 -36.02 4.73 1.90
C ACT D . 4.18 -1.35 5.94
O ACT D . 5.33 -1.33 5.49
OXT ACT D . 3.28 -1.65 5.13
CH3 ACT D . 3.87 -1.00 7.36
H1 ACT D . 4.79 -0.75 7.89
H2 ACT D . 3.19 -0.14 7.40
H3 ACT D . 3.39 -1.86 7.86
C1 NAG E . -4.46 21.10 38.11
C2 NAG E . -4.86 22.32 38.96
C3 NAG E . -5.35 23.45 38.07
C4 NAG E . -4.36 23.75 36.94
C5 NAG E . -3.96 22.47 36.21
C6 NAG E . -2.85 22.69 35.20
C7 NAG E . -5.66 21.66 41.21
C8 NAG E . -6.86 21.26 42.02
N2 NAG E . -5.90 21.93 39.92
O3 NAG E . -5.52 24.62 38.85
O4 NAG E . -4.94 24.65 36.01
O5 NAG E . -3.47 21.50 37.15
O6 NAG E . -1.65 23.16 35.80
O7 NAG E . -4.53 21.70 41.70
H2 NAG E . -4.08 22.63 39.46
H3 NAG E . -6.21 23.20 37.67
H4 NAG E . -3.56 24.16 37.33
H61 NAG E . -3.15 23.35 34.55
H62 NAG E . -2.68 21.84 34.74
H81 NAG E . -6.58 21.04 42.93
H82 NAG E . -7.50 22.01 42.05
H83 NAG E . -7.29 20.49 41.61
HN2 NAG E . -6.76 21.87 39.62
HO3 NAG E . -5.12 24.52 39.63
HO4 NAG E . -5.78 24.79 36.22
HO6 NAG E . -1.74 23.16 36.68
#